data_6YXF
#
_entry.id   6YXF
#
_cell.length_a   74.640
_cell.length_b   100.650
_cell.length_c   111.200
_cell.angle_alpha   90.000
_cell.angle_beta   90.000
_cell.angle_gamma   90.000
#
_symmetry.space_group_name_H-M   'P 21 2 21'
#
loop_
_entity.id
_entity.type
_entity.pdbx_description
1 polymer 'Adiponectin receptor protein 2'
2 polymer 'V REGION HEAVY and LIGHT CHAINS'
3 non-polymer 'ZINC ION'
4 non-polymer 'OLEIC ACID'
5 non-polymer '(2S)-2,3-dihydroxypropyl (9Z)-octadec-9-enoate'
6 non-polymer 'GADOLINIUM ATOM'
7 non-polymer '10-((2R)-2-HYDROXYPROPYL)-1,4,7,10-TETRAAZACYCLODODECANE 1,4,7-TRIACETIC ACID'
8 water water
#
loop_
_entity_poly.entity_id
_entity_poly.type
_entity_poly.pdbx_seq_one_letter_code
_entity_poly.pdbx_strand_id
1 'polypeptide(L)'
;GGSEFEGRWRVIPHDVLPDWLKDNDFLLHGHRPPMPSFRACFKSIFRIHTETGNIWTHLLGCVFFLCLGIFYMFRPNISF
VAPLQEKVVFGLFFLGAILCLSFSWLFHTVYCHSEGVSRLFSKLDYSGIALLIMGSFVPWLYYSFYCNPQPCFIYLIVIC
VLGIAAIIVSQWDMFATPQYRGVRAGVFLGLGLSGIIPTLHYVISEGFLKAATIGQIGWLMLMASLYITGAALYAARIPE
RFFPGKCDIWFHSHQLFHIFVVAGAFVHFHGVSNLQEFRFMIGGGCSEEDAL
;
A
2 'polypeptide(L)'
;EVLLQQSGPELVKPGASVRITCKASGYTFTDFNMDWVKQSPGKSLEWIGDFNPNSGGSIYNQKFKDKATFTVDKSSSTAY
MELRSLTFEDTAVYYCARETGTAWFAYWGQGTLVTVSAAGGDIQMTQSPASLSASVGETVTITCRASGNIHNFLAWYQQK
QGKSPQVLVYNAKTLADGVPSRFSGSGSGTQYSLKINSLQPEDFGSYYCQQFWSTPYTFGGGTKLEIN
;
H
#
# COMPACT_ATOMS: atom_id res chain seq x y z
N GLU A 4 18.31 6.11 -0.40
CA GLU A 4 18.62 5.37 0.82
C GLU A 4 18.66 3.87 0.52
N PHE A 5 19.70 3.17 0.95
CA PHE A 5 19.79 1.73 0.73
C PHE A 5 18.99 0.87 1.73
N GLU A 6 18.05 1.51 2.45
CA GLU A 6 17.13 0.89 3.40
C GLU A 6 15.72 1.06 2.84
N GLY A 7 14.97 -0.04 2.77
CA GLY A 7 13.61 -0.06 2.27
C GLY A 7 13.49 0.40 0.84
N ARG A 8 14.27 -0.18 -0.07
CA ARG A 8 14.21 0.17 -1.48
C ARG A 8 13.09 -0.67 -2.09
N TRP A 9 12.20 -0.06 -2.87
CA TRP A 9 11.17 -0.82 -3.59
C TRP A 9 10.97 -0.26 -5.01
N ARG A 10 10.29 -1.02 -5.88
CA ARG A 10 9.93 -0.58 -7.23
C ARG A 10 8.41 -0.64 -7.44
N VAL A 11 7.86 0.22 -8.29
CA VAL A 11 6.44 0.15 -8.64
C VAL A 11 6.19 -1.14 -9.44
N ILE A 12 5.01 -1.74 -9.29
CA ILE A 12 4.69 -2.96 -9.99
C ILE A 12 3.37 -2.89 -10.75
N PRO A 13 3.21 -3.65 -11.84
CA PRO A 13 1.89 -3.74 -12.48
C PRO A 13 0.75 -4.38 -11.61
N HIS A 14 -0.51 -4.21 -11.99
CA HIS A 14 -1.67 -4.69 -11.23
C HIS A 14 -1.70 -6.22 -10.96
N ASP A 15 -1.43 -7.03 -11.99
CA ASP A 15 -1.45 -8.51 -11.97
C ASP A 15 -0.58 -9.13 -10.87
N VAL A 16 0.47 -8.43 -10.43
CA VAL A 16 1.38 -8.96 -9.43
C VAL A 16 0.94 -8.66 -8.01
N LEU A 17 -0.02 -7.70 -7.81
CA LEU A 17 -0.56 -7.31 -6.48
C LEU A 17 -1.28 -8.45 -5.85
N PRO A 18 -1.22 -8.59 -4.52
CA PRO A 18 -2.04 -9.62 -3.86
C PRO A 18 -3.51 -9.23 -3.97
N ASP A 19 -4.41 -10.20 -3.81
CA ASP A 19 -5.84 -9.92 -3.97
C ASP A 19 -6.33 -8.80 -3.02
N TRP A 20 -5.73 -8.64 -1.81
CA TRP A 20 -6.15 -7.55 -0.92
C TRP A 20 -5.66 -6.13 -1.33
N LEU A 21 -4.77 -6.03 -2.30
CA LEU A 21 -4.28 -4.73 -2.78
C LEU A 21 -4.93 -4.39 -4.10
N LYS A 22 -5.30 -5.42 -4.91
CA LYS A 22 -5.96 -5.31 -6.23
C LYS A 22 -7.32 -4.67 -6.05
N ASP A 23 -7.49 -3.37 -6.42
CA ASP A 23 -8.80 -2.74 -6.21
C ASP A 23 -9.36 -2.08 -7.50
N ASN A 24 -8.50 -1.57 -8.37
CA ASN A 24 -8.97 -0.90 -9.58
C ASN A 24 -8.20 -1.46 -10.75
N ASP A 25 -8.82 -2.37 -11.49
CA ASP A 25 -8.12 -2.99 -12.60
C ASP A 25 -7.98 -2.06 -13.82
N PHE A 26 -8.11 -0.76 -13.63
CA PHE A 26 -7.87 0.22 -14.70
C PHE A 26 -6.55 0.99 -14.51
N LEU A 27 -5.96 0.87 -13.28
CA LEU A 27 -4.69 1.42 -12.83
C LEU A 27 -3.77 0.24 -12.99
N LEU A 28 -3.26 0.08 -14.20
CA LEU A 28 -2.50 -1.07 -14.66
C LEU A 28 -1.04 -1.19 -14.19
N HIS A 29 -0.37 -0.10 -13.93
CA HIS A 29 1.01 -0.10 -13.44
C HIS A 29 1.10 1.03 -12.35
N GLY A 30 2.27 1.18 -11.72
CA GLY A 30 2.52 2.22 -10.74
C GLY A 30 2.08 1.91 -9.34
N HIS A 31 1.85 0.64 -9.08
CA HIS A 31 1.45 0.22 -7.75
C HIS A 31 2.61 0.08 -6.82
N ARG A 32 2.41 0.38 -5.55
CA ARG A 32 3.42 0.11 -4.54
C ARG A 32 3.24 -1.39 -4.15
N PRO A 33 4.33 -2.12 -3.94
CA PRO A 33 4.19 -3.53 -3.52
C PRO A 33 3.91 -3.69 -2.03
N PRO A 34 3.36 -4.80 -1.49
CA PRO A 34 3.23 -4.92 -0.01
C PRO A 34 4.55 -4.69 0.71
N MET A 35 4.55 -3.76 1.65
CA MET A 35 5.74 -3.44 2.40
C MET A 35 5.32 -3.36 3.82
N PRO A 36 5.43 -4.44 4.59
CA PRO A 36 5.00 -4.42 5.99
C PRO A 36 5.93 -3.62 6.90
N SER A 37 6.26 -2.43 6.46
CA SER A 37 7.09 -1.47 7.14
C SER A 37 6.44 -0.09 6.98
N PHE A 38 5.91 0.47 8.11
CA PHE A 38 5.37 1.83 8.12
C PHE A 38 6.52 2.85 7.84
N ARG A 39 7.79 2.47 8.06
CA ARG A 39 8.93 3.32 7.75
C ARG A 39 8.96 3.57 6.23
N ALA A 40 8.83 2.48 5.47
CA ALA A 40 8.79 2.46 4.02
C ALA A 40 7.49 3.10 3.52
N CYS A 41 6.36 2.82 4.20
CA CYS A 41 5.02 3.38 3.94
C CYS A 41 5.03 4.88 4.02
N PHE A 42 5.41 5.47 5.17
CA PHE A 42 5.46 6.93 5.29
C PHE A 42 6.57 7.54 4.42
N LYS A 43 7.69 6.83 4.19
CA LYS A 43 8.72 7.35 3.27
C LYS A 43 8.13 7.45 1.83
N SER A 44 7.27 6.46 1.44
CA SER A 44 6.63 6.34 0.12
C SER A 44 5.77 7.54 -0.27
N ILE A 45 5.41 8.41 0.72
CA ILE A 45 4.73 9.68 0.51
C ILE A 45 5.58 10.56 -0.42
N PHE A 46 6.91 10.42 -0.37
CA PHE A 46 7.80 11.20 -1.21
C PHE A 46 8.20 10.45 -2.49
N ARG A 47 7.27 9.62 -3.00
CA ARG A 47 7.51 8.80 -4.18
C ARG A 47 6.37 8.91 -5.17
N ILE A 48 6.62 8.51 -6.46
CA ILE A 48 5.53 8.57 -7.43
C ILE A 48 4.86 7.17 -7.49
N HIS A 49 3.50 7.13 -7.48
CA HIS A 49 2.67 5.93 -7.47
C HIS A 49 1.14 6.25 -7.48
N THR A 50 0.31 5.22 -7.73
CA THR A 50 -1.16 5.24 -7.76
C THR A 50 -1.80 5.97 -6.54
N GLU A 51 -1.08 6.03 -5.42
CA GLU A 51 -1.61 6.68 -4.24
C GLU A 51 -0.98 8.04 -3.95
N THR A 52 0.07 8.47 -4.69
CA THR A 52 0.76 9.76 -4.45
C THR A 52 -0.27 10.92 -4.28
N GLY A 53 -1.03 11.21 -5.31
CA GLY A 53 -2.04 12.25 -5.26
C GLY A 53 -3.08 12.04 -4.19
N ASN A 54 -3.54 10.79 -3.94
CA ASN A 54 -4.55 10.51 -2.89
C ASN A 54 -4.00 10.95 -1.55
N ILE A 55 -2.74 10.57 -1.28
CA ILE A 55 -2.05 10.93 -0.06
C ILE A 55 -1.96 12.43 0.07
N TRP A 56 -1.39 13.11 -0.91
CA TRP A 56 -1.15 14.54 -0.80
C TRP A 56 -2.37 15.42 -0.82
N THR A 57 -3.49 15.04 -1.49
CA THR A 57 -4.70 15.89 -1.54
C THR A 57 -5.33 15.94 -0.17
N HIS A 58 -5.48 14.79 0.50
CA HIS A 58 -6.06 14.77 1.82
C HIS A 58 -5.03 15.02 2.90
N LEU A 59 -3.71 14.93 2.63
CA LEU A 59 -2.72 15.29 3.65
C LEU A 59 -2.70 16.81 3.65
N LEU A 60 -2.55 17.45 2.45
CA LEU A 60 -2.53 18.90 2.30
C LEU A 60 -3.82 19.54 2.71
N GLY A 61 -4.93 18.88 2.40
CA GLY A 61 -6.27 19.37 2.75
C GLY A 61 -6.58 19.27 4.22
N CYS A 62 -5.92 18.36 4.92
CA CYS A 62 -6.11 18.14 6.34
C CYS A 62 -5.42 19.25 7.12
N VAL A 63 -4.18 19.63 6.75
CA VAL A 63 -3.51 20.75 7.43
C VAL A 63 -4.27 22.05 7.14
N PHE A 64 -4.88 22.18 5.95
CA PHE A 64 -5.68 23.34 5.62
C PHE A 64 -6.88 23.46 6.55
N PHE A 65 -7.70 22.40 6.70
CA PHE A 65 -8.83 22.47 7.65
C PHE A 65 -8.36 22.66 9.07
N LEU A 66 -7.17 22.13 9.41
CA LEU A 66 -6.66 22.29 10.75
C LEU A 66 -6.38 23.75 11.06
N CYS A 67 -5.82 24.49 10.10
CA CYS A 67 -5.55 25.92 10.22
C CYS A 67 -6.84 26.70 10.25
N LEU A 68 -7.74 26.42 9.29
CA LEU A 68 -9.03 27.09 9.18
C LEU A 68 -9.87 26.90 10.45
N GLY A 69 -9.77 25.75 11.11
CA GLY A 69 -10.49 25.45 12.33
C GLY A 69 -9.87 25.98 13.61
N ILE A 70 -8.58 26.34 13.55
CA ILE A 70 -7.87 26.94 14.68
C ILE A 70 -8.22 28.44 14.59
N PHE A 71 -8.00 29.06 13.41
CA PHE A 71 -8.27 30.47 13.16
C PHE A 71 -9.71 30.87 13.44
N TYR A 72 -10.65 29.93 13.29
CA TYR A 72 -12.05 30.18 13.57
C TYR A 72 -12.23 30.25 15.06
N MET A 73 -11.67 29.32 15.79
CA MET A 73 -11.73 29.28 17.23
C MET A 73 -11.24 30.61 17.88
N PHE A 74 -10.23 31.23 17.28
CA PHE A 74 -9.64 32.46 17.79
C PHE A 74 -10.24 33.74 17.15
N ARG A 75 -11.47 33.65 16.66
CA ARG A 75 -12.16 34.80 16.06
C ARG A 75 -12.69 35.67 17.19
N PRO A 76 -12.73 37.01 17.04
CA PRO A 76 -13.28 37.86 18.12
C PRO A 76 -14.71 37.47 18.45
N ASN A 77 -15.08 37.47 19.72
CA ASN A 77 -16.40 37.02 20.13
C ASN A 77 -17.55 38.01 19.85
N ILE A 78 -17.23 39.23 19.39
CA ILE A 78 -18.26 40.19 18.98
C ILE A 78 -18.87 39.76 17.60
N SER A 79 -18.10 38.98 16.80
CA SER A 79 -18.53 38.47 15.51
C SER A 79 -19.74 37.56 15.60
N PHE A 80 -19.94 36.92 16.76
CA PHE A 80 -21.01 35.94 16.94
C PHE A 80 -22.15 36.43 17.80
N VAL A 81 -23.36 35.96 17.53
CA VAL A 81 -24.52 36.27 18.36
C VAL A 81 -24.30 35.49 19.68
N ALA A 82 -24.03 34.17 19.60
CA ALA A 82 -23.74 33.32 20.75
C ALA A 82 -22.38 32.64 20.49
N PRO A 83 -21.25 33.37 20.69
CA PRO A 83 -19.91 32.82 20.33
C PRO A 83 -19.53 31.44 20.86
N LEU A 84 -19.96 31.07 22.06
CA LEU A 84 -19.61 29.75 22.57
C LEU A 84 -20.36 28.68 21.76
N GLN A 85 -21.71 28.80 21.70
CA GLN A 85 -22.67 27.94 20.96
C GLN A 85 -22.27 27.82 19.48
N GLU A 86 -22.24 28.96 18.74
CA GLU A 86 -21.82 29.15 17.34
C GLU A 86 -20.42 28.52 17.08
N LYS A 87 -19.47 28.69 18.02
CA LYS A 87 -18.15 28.07 17.87
C LYS A 87 -18.22 26.56 18.09
N VAL A 88 -19.14 26.07 18.96
CA VAL A 88 -19.24 24.64 19.18
C VAL A 88 -19.82 23.96 17.94
N VAL A 89 -20.82 24.61 17.29
CA VAL A 89 -21.39 24.02 16.09
C VAL A 89 -20.34 23.97 14.96
N PHE A 90 -19.66 25.10 14.62
CA PHE A 90 -18.61 25.10 13.60
C PHE A 90 -17.49 24.13 13.97
N GLY A 91 -17.14 24.08 15.26
CA GLY A 91 -16.13 23.20 15.82
C GLY A 91 -16.36 21.75 15.44
N LEU A 92 -17.62 21.28 15.58
CA LEU A 92 -17.99 19.92 15.21
C LEU A 92 -17.88 19.64 13.71
N PHE A 93 -18.11 20.68 12.89
CA PHE A 93 -17.96 20.54 11.45
C PHE A 93 -16.47 20.41 11.15
N PHE A 94 -15.64 21.29 11.73
CA PHE A 94 -14.19 21.30 11.56
C PHE A 94 -13.51 20.02 12.01
N LEU A 95 -13.89 19.46 13.16
CA LEU A 95 -13.38 18.20 13.67
C LEU A 95 -13.74 17.08 12.70
N GLY A 96 -14.98 17.07 12.23
CA GLY A 96 -15.48 16.09 11.26
C GLY A 96 -14.71 16.13 9.96
N ALA A 97 -14.33 17.34 9.54
CA ALA A 97 -13.54 17.62 8.35
C ALA A 97 -12.08 17.22 8.52
N ILE A 98 -11.54 17.40 9.73
CA ILE A 98 -10.16 17.07 10.07
C ILE A 98 -9.96 15.59 10.23
N LEU A 99 -10.87 14.94 10.96
CA LEU A 99 -10.84 13.50 11.14
C LEU A 99 -10.95 12.76 9.82
N CYS A 100 -11.89 13.18 8.96
CA CYS A 100 -12.13 12.57 7.65
C CYS A 100 -10.89 12.57 6.80
N LEU A 101 -10.24 13.74 6.69
CA LEU A 101 -9.06 13.85 5.88
C LEU A 101 -7.91 13.10 6.50
N SER A 102 -7.74 13.16 7.84
CA SER A 102 -6.69 12.41 8.52
C SER A 102 -6.78 10.89 8.35
N PHE A 103 -7.95 10.28 8.68
CA PHE A 103 -8.19 8.84 8.51
C PHE A 103 -7.86 8.41 7.11
N SER A 104 -8.25 9.24 6.11
CA SER A 104 -8.02 9.07 4.68
C SER A 104 -6.55 9.10 4.32
N TRP A 105 -5.84 10.25 4.50
CA TRP A 105 -4.42 10.29 4.10
C TRP A 105 -3.58 9.25 4.87
N LEU A 106 -4.00 8.89 6.11
CA LEU A 106 -3.30 7.87 6.85
C LEU A 106 -3.52 6.53 6.21
N PHE A 107 -4.77 6.18 5.95
CA PHE A 107 -5.11 4.98 5.20
C PHE A 107 -4.42 4.95 3.83
N HIS A 108 -4.54 6.00 2.98
CA HIS A 108 -3.91 5.96 1.64
C HIS A 108 -2.39 5.72 1.71
N THR A 109 -1.75 6.07 2.87
CA THR A 109 -0.34 5.85 3.19
C THR A 109 -0.08 4.42 3.66
N VAL A 110 -0.62 4.03 4.82
CA VAL A 110 -0.35 2.68 5.35
C VAL A 110 -1.14 1.54 4.61
N TYR A 111 -1.83 1.88 3.50
CA TYR A 111 -2.64 0.97 2.69
C TYR A 111 -1.85 -0.27 2.27
N CYS A 112 -0.69 -0.08 1.59
CA CYS A 112 0.13 -1.15 1.03
C CYS A 112 0.89 -1.97 2.06
N HIS A 113 0.86 -1.57 3.36
CA HIS A 113 1.55 -2.23 4.48
C HIS A 113 1.24 -3.74 4.65
N SER A 114 0.01 -4.09 4.95
CA SER A 114 -0.42 -5.47 5.09
C SER A 114 -1.94 -5.54 4.92
N GLU A 115 -2.49 -6.75 4.81
CA GLU A 115 -3.92 -6.94 4.64
C GLU A 115 -4.69 -6.47 5.90
N GLY A 116 -4.14 -6.78 7.06
CA GLY A 116 -4.76 -6.41 8.32
C GLY A 116 -4.74 -4.93 8.56
N VAL A 117 -3.61 -4.29 8.27
CA VAL A 117 -3.48 -2.85 8.47
C VAL A 117 -4.42 -2.11 7.54
N SER A 118 -4.38 -2.46 6.23
CA SER A 118 -5.25 -1.85 5.20
C SER A 118 -6.72 -2.05 5.58
N ARG A 119 -7.06 -3.26 6.07
CA ARG A 119 -8.37 -3.60 6.58
C ARG A 119 -8.76 -2.65 7.72
N LEU A 120 -7.92 -2.47 8.76
CA LEU A 120 -8.26 -1.51 9.84
C LEU A 120 -8.41 -0.03 9.31
N PHE A 121 -7.36 0.52 8.64
CA PHE A 121 -7.39 1.90 8.15
C PHE A 121 -8.45 2.19 7.10
N SER A 122 -8.90 1.19 6.32
CA SER A 122 -9.97 1.43 5.35
C SER A 122 -11.27 1.68 6.08
N LYS A 123 -11.50 0.98 7.23
CA LYS A 123 -12.68 1.16 8.06
C LYS A 123 -12.66 2.52 8.76
N LEU A 124 -11.48 3.06 9.05
CA LEU A 124 -11.34 4.40 9.61
C LEU A 124 -11.59 5.41 8.49
N ASP A 125 -11.06 5.15 7.28
CA ASP A 125 -11.25 5.97 6.07
C ASP A 125 -12.74 6.17 5.76
N TYR A 126 -13.54 5.05 5.67
CA TYR A 126 -15.00 5.08 5.40
C TYR A 126 -15.71 5.80 6.49
N SER A 127 -15.34 5.50 7.75
CA SER A 127 -15.96 6.13 8.90
C SER A 127 -15.75 7.62 8.91
N GLY A 128 -14.61 8.09 8.43
CA GLY A 128 -14.32 9.51 8.28
C GLY A 128 -15.29 10.22 7.36
N ILE A 129 -15.75 9.55 6.27
CA ILE A 129 -16.71 10.17 5.36
C ILE A 129 -18.02 10.45 6.11
N ALA A 130 -18.54 9.44 6.83
CA ALA A 130 -19.75 9.59 7.64
C ALA A 130 -19.64 10.77 8.65
N LEU A 131 -18.50 10.89 9.36
CA LEU A 131 -18.25 11.98 10.30
C LEU A 131 -18.13 13.34 9.58
N LEU A 132 -17.78 13.35 8.26
CA LEU A 132 -17.70 14.60 7.51
C LEU A 132 -19.10 15.09 7.27
N ILE A 133 -20.01 14.21 6.83
CA ILE A 133 -21.42 14.52 6.56
C ILE A 133 -22.16 14.90 7.84
N MET A 134 -21.95 14.12 8.92
CA MET A 134 -22.63 14.40 10.17
C MET A 134 -22.28 15.79 10.72
N GLY A 135 -21.01 16.10 10.69
CA GLY A 135 -20.48 17.35 11.19
C GLY A 135 -20.86 18.52 10.35
N SER A 136 -20.95 18.34 9.04
CA SER A 136 -21.34 19.39 8.13
C SER A 136 -22.85 19.80 8.33
N PHE A 137 -23.67 18.85 8.80
CA PHE A 137 -25.08 19.11 9.07
C PHE A 137 -25.24 19.95 10.31
N VAL A 138 -24.47 19.72 11.37
CA VAL A 138 -24.61 20.47 12.62
C VAL A 138 -24.67 22.00 12.42
N PRO A 139 -23.65 22.75 11.89
CA PRO A 139 -23.82 24.20 11.71
C PRO A 139 -24.92 24.59 10.73
N TRP A 140 -25.22 23.70 9.76
CA TRP A 140 -26.25 23.96 8.76
C TRP A 140 -27.61 23.91 9.37
N LEU A 141 -27.88 22.96 10.27
CA LEU A 141 -29.17 22.86 10.96
C LEU A 141 -29.29 23.99 12.01
N TYR A 142 -28.18 24.38 12.65
CA TYR A 142 -28.17 25.43 13.67
C TYR A 142 -28.69 26.73 13.12
N TYR A 143 -28.28 27.09 11.90
CA TYR A 143 -28.79 28.31 11.28
C TYR A 143 -30.08 28.09 10.48
N SER A 144 -30.19 26.97 9.74
CA SER A 144 -31.41 26.68 8.99
C SER A 144 -32.65 26.59 9.89
N PHE A 145 -32.53 25.94 11.05
CA PHE A 145 -33.66 25.82 11.96
C PHE A 145 -33.48 26.64 13.22
N TYR A 146 -32.83 27.82 13.07
CA TYR A 146 -32.48 28.75 14.13
C TYR A 146 -33.62 29.11 15.05
N CYS A 147 -34.67 29.75 14.51
CA CYS A 147 -35.79 30.16 15.33
C CYS A 147 -36.73 29.03 15.70
N ASN A 148 -36.51 27.79 15.20
CA ASN A 148 -37.35 26.63 15.54
C ASN A 148 -36.51 25.39 15.92
N PRO A 149 -36.55 24.98 17.19
CA PRO A 149 -35.71 23.85 17.61
C PRO A 149 -36.35 22.45 17.55
N GLN A 150 -37.68 22.33 17.34
CA GLN A 150 -38.26 20.98 17.21
C GLN A 150 -37.68 20.26 15.96
N PRO A 151 -37.60 20.89 14.76
CA PRO A 151 -36.96 20.22 13.62
C PRO A 151 -35.46 20.13 13.84
N CYS A 152 -34.80 21.22 14.32
CA CYS A 152 -33.35 21.26 14.58
C CYS A 152 -32.87 20.10 15.44
N PHE A 153 -33.63 19.73 16.48
CA PHE A 153 -33.28 18.59 17.30
C PHE A 153 -33.52 17.29 16.52
N ILE A 154 -34.72 17.09 15.99
CA ILE A 154 -35.06 15.87 15.26
C ILE A 154 -34.08 15.55 14.13
N TYR A 155 -33.86 16.48 13.19
CA TYR A 155 -32.91 16.35 12.10
C TYR A 155 -31.50 16.07 12.55
N LEU A 156 -31.10 16.56 13.73
CA LEU A 156 -29.78 16.27 14.25
C LEU A 156 -29.71 14.79 14.62
N ILE A 157 -30.74 14.25 15.30
CA ILE A 157 -30.79 12.83 15.65
C ILE A 157 -30.90 11.96 14.39
N VAL A 158 -31.63 12.42 13.38
CA VAL A 158 -31.83 11.72 12.12
C VAL A 158 -30.51 11.54 11.37
N ILE A 159 -29.73 12.63 11.25
CA ILE A 159 -28.45 12.55 10.56
C ILE A 159 -27.46 11.69 11.40
N CYS A 160 -27.55 11.75 12.73
CA CYS A 160 -26.68 10.97 13.59
C CYS A 160 -27.08 9.51 13.67
N VAL A 161 -28.37 9.20 13.61
CA VAL A 161 -28.80 7.81 13.60
C VAL A 161 -28.37 7.17 12.27
N LEU A 162 -28.62 7.86 11.13
CA LEU A 162 -28.19 7.41 9.79
C LEU A 162 -26.66 7.29 9.66
N GLY A 163 -25.93 8.27 10.15
CA GLY A 163 -24.47 8.27 10.10
C GLY A 163 -23.88 7.15 10.93
N ILE A 164 -24.44 6.87 12.11
CA ILE A 164 -23.96 5.78 12.94
C ILE A 164 -24.23 4.44 12.23
N ALA A 165 -25.39 4.30 11.58
CA ALA A 165 -25.70 3.10 10.82
C ALA A 165 -24.66 2.92 9.66
N ALA A 166 -24.38 4.02 8.91
CA ALA A 166 -23.39 4.03 7.84
C ALA A 166 -22.03 3.55 8.40
N ILE A 167 -21.63 4.08 9.59
CA ILE A 167 -20.40 3.73 10.26
C ILE A 167 -20.39 2.26 10.68
N ILE A 168 -21.52 1.68 11.13
CA ILE A 168 -21.63 0.26 11.50
C ILE A 168 -21.51 -0.61 10.25
N VAL A 169 -22.13 -0.16 9.13
CA VAL A 169 -22.09 -0.86 7.82
C VAL A 169 -20.68 -0.80 7.19
N SER A 170 -19.87 0.21 7.55
CA SER A 170 -18.49 0.36 7.09
C SER A 170 -17.58 -0.72 7.69
N GLN A 171 -17.95 -1.32 8.87
CA GLN A 171 -17.18 -2.38 9.54
C GLN A 171 -17.28 -3.75 8.86
N TRP A 172 -18.36 -3.97 8.11
CA TRP A 172 -18.64 -5.17 7.31
C TRP A 172 -17.57 -5.29 6.22
N ASP A 173 -16.89 -6.44 6.14
CA ASP A 173 -15.78 -6.62 5.22
C ASP A 173 -16.22 -6.67 3.75
N MET A 174 -17.47 -7.04 3.47
CA MET A 174 -17.98 -7.01 2.11
C MET A 174 -18.01 -5.61 1.55
N PHE A 175 -18.37 -4.65 2.38
CA PHE A 175 -18.47 -3.24 2.04
C PHE A 175 -17.17 -2.65 1.42
N ALA A 176 -16.01 -3.24 1.75
CA ALA A 176 -14.72 -2.78 1.25
C ALA A 176 -14.31 -3.39 -0.10
N THR A 177 -14.96 -4.51 -0.51
CA THR A 177 -14.64 -5.21 -1.76
C THR A 177 -15.02 -4.34 -2.99
N PRO A 178 -14.35 -4.51 -4.14
CA PRO A 178 -14.66 -3.66 -5.31
C PRO A 178 -15.98 -3.97 -6.02
N GLN A 179 -16.57 -5.11 -5.67
CA GLN A 179 -17.86 -5.52 -6.16
C GLN A 179 -18.97 -4.63 -5.51
N TYR A 180 -18.76 -4.23 -4.22
CA TYR A 180 -19.61 -3.36 -3.43
C TYR A 180 -19.27 -1.87 -3.60
N ARG A 181 -18.41 -1.49 -4.58
CA ARG A 181 -18.05 -0.09 -4.84
C ARG A 181 -19.27 0.82 -5.07
N GLY A 182 -20.28 0.31 -5.77
CA GLY A 182 -21.50 1.07 -6.03
C GLY A 182 -22.31 1.27 -4.78
N VAL A 183 -22.33 0.26 -3.91
CA VAL A 183 -23.04 0.29 -2.65
C VAL A 183 -22.46 1.41 -1.76
N ARG A 184 -21.12 1.58 -1.71
CA ARG A 184 -20.49 2.68 -0.96
C ARG A 184 -20.95 4.02 -1.53
N ALA A 185 -20.77 4.23 -2.84
CA ALA A 185 -21.18 5.47 -3.47
C ALA A 185 -22.67 5.79 -3.27
N GLY A 186 -23.50 4.76 -2.98
CA GLY A 186 -24.91 4.98 -2.71
C GLY A 186 -25.16 5.24 -1.24
N VAL A 187 -24.40 4.58 -0.36
CA VAL A 187 -24.54 4.68 1.10
C VAL A 187 -24.17 6.08 1.54
N PHE A 188 -23.03 6.57 1.07
CA PHE A 188 -22.59 7.90 1.44
C PHE A 188 -23.36 8.93 0.67
N LEU A 189 -23.65 8.67 -0.63
CA LEU A 189 -24.45 9.62 -1.40
C LEU A 189 -25.85 9.83 -0.79
N GLY A 190 -26.45 8.75 -0.30
CA GLY A 190 -27.74 8.79 0.35
C GLY A 190 -27.67 9.57 1.64
N LEU A 191 -26.60 9.36 2.40
CA LEU A 191 -26.40 10.05 3.68
C LEU A 191 -26.41 11.58 3.49
N GLY A 192 -25.68 12.06 2.50
CA GLY A 192 -25.59 13.49 2.23
C GLY A 192 -26.81 14.08 1.58
N LEU A 193 -27.38 13.32 0.63
CA LEU A 193 -28.60 13.75 -0.01
C LEU A 193 -29.79 13.70 0.93
N SER A 194 -29.75 12.95 2.05
CA SER A 194 -30.86 12.94 3.01
C SER A 194 -31.18 14.35 3.57
N GLY A 195 -30.23 15.28 3.40
CA GLY A 195 -30.42 16.69 3.72
C GLY A 195 -31.58 17.31 2.96
N ILE A 196 -32.11 16.61 1.93
CA ILE A 196 -33.26 17.03 1.15
C ILE A 196 -34.54 17.03 2.04
N ILE A 197 -34.60 16.16 3.09
CA ILE A 197 -35.67 16.13 4.07
C ILE A 197 -35.76 17.49 4.76
N PRO A 198 -34.72 17.94 5.51
CA PRO A 198 -34.80 19.27 6.13
C PRO A 198 -34.86 20.41 5.14
N THR A 199 -34.41 20.24 3.89
CA THR A 199 -34.54 21.30 2.90
C THR A 199 -36.01 21.50 2.53
N LEU A 200 -36.74 20.38 2.22
CA LEU A 200 -38.18 20.40 1.90
C LEU A 200 -38.91 21.09 3.05
N HIS A 201 -38.65 20.65 4.30
CA HIS A 201 -39.21 21.19 5.53
C HIS A 201 -38.92 22.71 5.73
N TYR A 202 -37.68 23.13 5.52
CA TYR A 202 -37.28 24.54 5.66
C TYR A 202 -38.06 25.37 4.63
N VAL A 203 -37.99 24.96 3.36
CA VAL A 203 -38.68 25.61 2.25
C VAL A 203 -40.23 25.66 2.48
N ILE A 204 -40.83 24.55 2.97
CA ILE A 204 -42.26 24.42 3.30
C ILE A 204 -42.65 25.45 4.35
N SER A 205 -41.73 25.88 5.26
CA SER A 205 -42.14 26.84 6.27
C SER A 205 -41.62 28.28 6.04
N GLU A 206 -40.50 28.46 5.36
CA GLU A 206 -40.02 29.82 5.05
C GLU A 206 -40.53 30.32 3.69
N GLY A 207 -40.79 29.40 2.78
CA GLY A 207 -41.26 29.71 1.43
C GLY A 207 -40.13 30.01 0.47
N PHE A 208 -40.32 29.69 -0.82
CA PHE A 208 -39.31 29.91 -1.87
C PHE A 208 -38.71 31.34 -1.88
N LEU A 209 -39.44 32.35 -1.34
CA LEU A 209 -38.87 33.69 -1.26
C LEU A 209 -37.82 33.68 -0.16
N LYS A 210 -38.23 33.50 1.11
CA LYS A 210 -37.36 33.47 2.30
C LYS A 210 -36.25 32.37 2.22
N ALA A 211 -36.33 31.44 1.26
CA ALA A 211 -35.36 30.35 1.14
C ALA A 211 -34.34 30.56 0.03
N ALA A 212 -34.78 31.06 -1.12
CA ALA A 212 -33.87 31.29 -2.24
C ALA A 212 -33.29 32.71 -2.26
N THR A 213 -33.98 33.70 -1.58
CA THR A 213 -33.47 35.08 -1.43
C THR A 213 -32.21 34.93 -0.60
N ILE A 214 -32.34 34.30 0.59
CA ILE A 214 -31.20 33.94 1.41
C ILE A 214 -30.60 32.72 0.67
N GLY A 215 -29.40 32.92 0.09
CA GLY A 215 -28.63 32.01 -0.77
C GLY A 215 -28.78 30.51 -0.76
N GLN A 216 -29.19 29.93 0.39
CA GLN A 216 -29.38 28.50 0.66
C GLN A 216 -29.79 27.62 -0.50
N ILE A 217 -30.81 27.99 -1.28
CA ILE A 217 -31.30 27.19 -2.42
C ILE A 217 -30.24 27.12 -3.52
N GLY A 218 -29.62 28.25 -3.86
CA GLY A 218 -28.57 28.29 -4.86
C GLY A 218 -27.31 27.56 -4.44
N TRP A 219 -27.01 27.60 -3.15
CA TRP A 219 -25.85 26.91 -2.59
C TRP A 219 -26.16 25.41 -2.49
N LEU A 220 -27.24 25.03 -1.79
CA LEU A 220 -27.63 23.62 -1.64
C LEU A 220 -27.70 22.81 -2.95
N MET A 221 -27.94 23.50 -4.09
CA MET A 221 -28.01 22.80 -5.36
C MET A 221 -26.60 22.45 -5.77
N LEU A 222 -25.67 23.44 -5.77
CA LEU A 222 -24.25 23.20 -6.10
C LEU A 222 -23.71 22.04 -5.25
N MET A 223 -24.12 21.97 -3.99
CA MET A 223 -23.70 20.93 -3.09
C MET A 223 -24.20 19.59 -3.48
N ALA A 224 -25.44 19.50 -3.91
CA ALA A 224 -25.99 18.26 -4.44
C ALA A 224 -25.30 17.90 -5.74
N SER A 225 -24.86 18.90 -6.54
CA SER A 225 -24.10 18.64 -7.77
C SER A 225 -22.79 17.98 -7.38
N LEU A 226 -21.99 18.62 -6.52
CA LEU A 226 -20.72 18.05 -6.07
C LEU A 226 -20.87 16.64 -5.51
N TYR A 227 -21.96 16.40 -4.81
CA TYR A 227 -22.25 15.12 -4.22
C TYR A 227 -22.56 14.08 -5.28
N ILE A 228 -23.56 14.34 -6.15
CA ILE A 228 -23.92 13.36 -7.16
C ILE A 228 -22.81 13.23 -8.24
N THR A 229 -22.22 14.33 -8.80
CA THR A 229 -21.12 14.17 -9.79
C THR A 229 -19.96 13.41 -9.22
N GLY A 230 -19.57 13.78 -7.99
CA GLY A 230 -18.44 13.18 -7.27
C GLY A 230 -18.62 11.68 -7.05
N ALA A 231 -19.76 11.27 -6.48
CA ALA A 231 -20.04 9.84 -6.25
C ALA A 231 -20.07 9.06 -7.54
N ALA A 232 -20.57 9.69 -8.63
CA ALA A 232 -20.68 9.08 -9.95
C ALA A 232 -19.28 8.73 -10.44
N LEU A 233 -18.33 9.69 -10.34
CA LEU A 233 -16.93 9.46 -10.72
C LEU A 233 -16.34 8.22 -10.02
N TYR A 234 -16.39 8.16 -8.68
CA TYR A 234 -15.92 7.06 -7.83
C TYR A 234 -16.47 5.73 -8.31
N ALA A 235 -17.80 5.62 -8.41
CA ALA A 235 -18.43 4.36 -8.73
C ALA A 235 -18.25 3.93 -10.16
N ALA A 236 -18.20 4.91 -11.08
CA ALA A 236 -18.05 4.63 -12.51
C ALA A 236 -16.56 4.45 -12.96
N ARG A 237 -15.60 4.90 -12.12
CA ARG A 237 -14.18 4.86 -12.37
C ARG A 237 -13.83 5.68 -13.59
N ILE A 238 -14.28 6.90 -13.62
CA ILE A 238 -13.99 7.81 -14.73
C ILE A 238 -12.94 8.84 -14.27
N PRO A 239 -11.90 9.11 -15.07
CA PRO A 239 -11.65 8.63 -16.45
C PRO A 239 -10.87 7.35 -16.68
N GLU A 240 -10.28 6.73 -15.65
CA GLU A 240 -9.47 5.51 -15.86
C GLU A 240 -10.21 4.33 -16.60
N ARG A 241 -11.53 4.37 -16.69
CA ARG A 241 -12.29 3.37 -17.41
C ARG A 241 -12.06 3.59 -18.90
N PHE A 242 -12.05 4.87 -19.34
CA PHE A 242 -11.86 5.26 -20.72
C PHE A 242 -10.41 5.31 -21.10
N PHE A 243 -9.44 5.45 -20.15
CA PHE A 243 -8.03 5.47 -20.58
C PHE A 243 -7.09 4.53 -19.77
N PRO A 244 -7.36 3.21 -19.72
CA PRO A 244 -6.55 2.35 -18.86
C PRO A 244 -5.03 2.49 -19.02
N GLY A 245 -4.33 2.49 -17.89
CA GLY A 245 -2.87 2.60 -17.90
C GLY A 245 -2.32 3.93 -18.38
N LYS A 246 -3.20 4.93 -18.54
CA LYS A 246 -2.82 6.26 -18.99
C LYS A 246 -3.12 7.26 -17.90
N CYS A 247 -4.25 7.09 -17.20
CA CYS A 247 -4.66 7.89 -16.06
C CYS A 247 -4.34 7.02 -14.83
N ASP A 248 -3.04 6.81 -14.52
CA ASP A 248 -2.58 5.90 -13.45
C ASP A 248 -1.96 6.61 -12.28
N ILE A 249 -1.06 7.59 -12.53
CA ILE A 249 -0.47 8.36 -11.43
C ILE A 249 -1.31 9.61 -11.19
N TRP A 250 -1.72 10.30 -12.27
CA TRP A 250 -2.53 11.50 -12.11
C TRP A 250 -3.92 11.40 -12.74
N PHE A 251 -4.84 12.08 -12.09
CA PHE A 251 -6.20 12.31 -12.51
C PHE A 251 -7.10 11.09 -12.63
N HIS A 252 -6.84 9.98 -11.90
CA HIS A 252 -7.82 8.91 -11.90
C HIS A 252 -9.00 9.32 -10.95
N SER A 253 -10.09 8.53 -10.96
CA SER A 253 -11.27 8.80 -10.16
C SER A 253 -10.98 9.05 -8.68
N HIS A 254 -10.35 8.10 -7.92
CA HIS A 254 -10.11 8.32 -6.48
C HIS A 254 -9.43 9.61 -6.16
N GLN A 255 -8.52 10.02 -7.02
CA GLN A 255 -7.78 11.27 -6.91
C GLN A 255 -8.74 12.46 -7.15
N LEU A 256 -9.53 12.45 -8.25
CA LEU A 256 -10.49 13.52 -8.52
C LEU A 256 -11.50 13.61 -7.39
N PHE A 257 -11.95 12.45 -6.87
CA PHE A 257 -12.88 12.36 -5.77
C PHE A 257 -12.32 13.07 -4.54
N HIS A 258 -11.02 12.95 -4.26
CA HIS A 258 -10.36 13.64 -3.13
C HIS A 258 -10.50 15.13 -3.28
N ILE A 259 -10.30 15.64 -4.50
CA ILE A 259 -10.46 17.04 -4.87
C ILE A 259 -11.92 17.45 -4.66
N PHE A 260 -12.86 16.60 -5.03
CA PHE A 260 -14.28 16.85 -4.80
C PHE A 260 -14.67 16.90 -3.34
N VAL A 261 -13.90 16.22 -2.45
CA VAL A 261 -14.21 16.16 -1.03
C VAL A 261 -13.69 17.37 -0.32
N VAL A 262 -12.46 17.77 -0.64
CA VAL A 262 -11.85 18.97 -0.09
C VAL A 262 -12.61 20.19 -0.62
N ALA A 263 -12.88 20.24 -1.95
CA ALA A 263 -13.67 21.35 -2.50
C ALA A 263 -15.05 21.38 -1.93
N GLY A 264 -15.67 20.21 -1.79
CA GLY A 264 -17.01 20.08 -1.23
C GLY A 264 -17.08 20.59 0.19
N ALA A 265 -16.10 20.26 1.03
CA ALA A 265 -16.07 20.73 2.42
C ALA A 265 -15.70 22.24 2.51
N PHE A 266 -15.03 22.80 1.48
CA PHE A 266 -14.77 24.23 1.44
C PHE A 266 -16.05 24.98 1.04
N VAL A 267 -16.79 24.53 0.00
CA VAL A 267 -18.05 25.16 -0.40
C VAL A 267 -19.05 25.12 0.75
N HIS A 268 -19.09 23.99 1.45
CA HIS A 268 -19.97 23.80 2.57
C HIS A 268 -19.61 24.70 3.71
N PHE A 269 -18.32 24.86 4.01
CA PHE A 269 -17.90 25.75 5.10
C PHE A 269 -18.28 27.16 4.73
N HIS A 270 -17.88 27.63 3.53
CA HIS A 270 -18.21 28.98 3.11
C HIS A 270 -19.74 29.26 3.13
N GLY A 271 -20.53 28.23 2.88
CA GLY A 271 -21.98 28.35 2.96
C GLY A 271 -22.46 28.63 4.38
N VAL A 272 -22.13 27.75 5.36
CA VAL A 272 -22.59 27.96 6.73
C VAL A 272 -21.85 29.17 7.38
N SER A 273 -20.65 29.55 6.84
CA SER A 273 -19.98 30.77 7.27
C SER A 273 -20.67 32.04 6.71
N ASN A 274 -21.72 31.87 5.91
CA ASN A 274 -22.53 32.95 5.43
C ASN A 274 -23.77 32.99 6.30
N LEU A 275 -24.40 31.84 6.60
CA LEU A 275 -25.54 31.80 7.51
C LEU A 275 -25.20 32.43 8.89
N GLN A 276 -23.92 32.45 9.24
CA GLN A 276 -23.49 33.06 10.48
C GLN A 276 -23.27 34.56 10.25
N GLU A 277 -22.67 34.97 9.11
CA GLU A 277 -22.45 36.38 8.79
C GLU A 277 -23.80 37.13 8.77
N PHE A 278 -24.89 36.42 8.35
CA PHE A 278 -26.27 36.88 8.26
C PHE A 278 -26.96 36.86 9.62
N ARG A 279 -27.01 35.70 10.32
CA ARG A 279 -27.63 35.64 11.64
C ARG A 279 -27.06 36.71 12.60
N PHE A 280 -25.79 37.09 12.41
CA PHE A 280 -25.15 38.16 13.19
C PHE A 280 -25.72 39.52 12.78
N MET A 281 -25.80 39.82 11.48
CA MET A 281 -26.40 41.08 11.01
C MET A 281 -27.88 41.25 11.38
N ILE A 282 -28.50 40.25 12.00
CA ILE A 282 -29.90 40.31 12.41
C ILE A 282 -30.10 40.04 13.93
N GLY A 283 -29.06 39.61 14.65
CA GLY A 283 -29.17 39.27 16.07
C GLY A 283 -29.97 38.02 16.34
N GLY A 284 -30.10 37.64 17.61
CA GLY A 284 -30.81 36.42 17.98
C GLY A 284 -32.33 36.43 18.09
N GLY A 285 -32.99 37.39 17.44
CA GLY A 285 -34.44 37.53 17.50
C GLY A 285 -35.32 36.43 16.92
N CYS A 286 -36.51 36.26 17.51
CA CYS A 286 -37.53 35.29 17.07
C CYS A 286 -38.94 35.93 16.95
N GLU B 1 4.32 -19.88 -16.68
CA GLU B 1 4.60 -18.76 -17.59
C GLU B 1 5.96 -18.09 -17.34
N VAL B 2 6.15 -17.38 -16.17
CA VAL B 2 7.46 -16.77 -15.87
C VAL B 2 8.52 -17.85 -15.76
N LEU B 3 9.57 -17.70 -16.57
CA LEU B 3 10.66 -18.60 -16.73
C LEU B 3 11.99 -17.88 -16.84
N LEU B 4 12.91 -18.19 -15.94
CA LEU B 4 14.26 -17.62 -15.98
C LEU B 4 15.17 -18.79 -16.44
N GLN B 5 15.69 -18.70 -17.68
CA GLN B 5 16.50 -19.77 -18.22
C GLN B 5 17.94 -19.33 -18.36
N GLN B 6 18.83 -20.02 -17.66
CA GLN B 6 20.25 -19.72 -17.63
C GLN B 6 21.05 -20.48 -18.66
N SER B 7 22.26 -19.98 -18.97
CA SER B 7 23.15 -20.65 -19.90
C SER B 7 23.73 -21.95 -19.26
N GLY B 8 24.37 -22.78 -20.08
CA GLY B 8 24.95 -24.03 -19.60
C GLY B 8 26.15 -23.85 -18.70
N PRO B 9 26.60 -24.98 -18.09
CA PRO B 9 27.78 -24.93 -17.21
C PRO B 9 29.06 -24.54 -17.91
N GLU B 10 30.04 -24.07 -17.18
CA GLU B 10 31.34 -23.71 -17.72
C GLU B 10 32.48 -24.25 -16.90
N LEU B 11 33.57 -24.61 -17.59
CA LEU B 11 34.75 -25.17 -16.96
C LEU B 11 35.89 -24.38 -17.50
N VAL B 12 36.40 -23.40 -16.73
CA VAL B 12 37.44 -22.54 -17.26
C VAL B 12 38.72 -22.60 -16.46
N LYS B 13 39.85 -22.24 -17.11
CA LYS B 13 41.20 -22.15 -16.52
C LYS B 13 41.24 -20.86 -15.71
N PRO B 14 41.98 -20.86 -14.59
CA PRO B 14 42.09 -19.62 -13.79
C PRO B 14 42.42 -18.36 -14.61
N GLY B 15 41.99 -17.21 -14.12
CA GLY B 15 42.22 -15.94 -14.77
C GLY B 15 41.34 -15.65 -15.97
N ALA B 16 40.38 -16.54 -16.24
CA ALA B 16 39.48 -16.37 -17.38
C ALA B 16 38.24 -15.47 -17.01
N SER B 17 37.34 -15.20 -17.97
CA SER B 17 36.11 -14.45 -17.79
C SER B 17 34.97 -15.38 -18.19
N VAL B 18 33.88 -15.39 -17.42
CA VAL B 18 32.67 -16.13 -17.79
C VAL B 18 31.52 -15.14 -17.99
N ARG B 19 30.44 -15.56 -18.65
CA ARG B 19 29.29 -14.70 -18.86
C ARG B 19 28.09 -15.56 -18.73
N ILE B 20 27.31 -15.32 -17.66
CA ILE B 20 26.11 -16.11 -17.46
C ILE B 20 24.88 -15.46 -18.13
N THR B 21 24.08 -16.27 -18.82
CA THR B 21 22.89 -15.76 -19.50
C THR B 21 21.64 -16.13 -18.70
N CYS B 22 20.62 -15.28 -18.76
CA CYS B 22 19.38 -15.44 -18.02
C CYS B 22 18.29 -14.82 -18.88
N LYS B 23 17.61 -15.66 -19.68
CA LYS B 23 16.51 -15.28 -20.55
C LYS B 23 15.20 -15.23 -19.74
N ALA B 24 14.64 -14.03 -19.62
CA ALA B 24 13.42 -13.79 -18.87
C ALA B 24 12.24 -14.03 -19.76
N SER B 25 11.37 -14.93 -19.35
CA SER B 25 10.18 -15.29 -20.09
C SER B 25 8.98 -15.13 -19.17
N GLY B 26 7.78 -15.06 -19.73
CA GLY B 26 6.54 -15.02 -18.95
C GLY B 26 6.08 -13.70 -18.39
N TYR B 27 6.87 -12.64 -18.50
CA TYR B 27 6.50 -11.35 -17.91
C TYR B 27 7.10 -10.14 -18.69
N THR B 28 6.76 -8.89 -18.32
CA THR B 28 7.44 -7.73 -18.94
C THR B 28 8.81 -7.52 -18.29
N PHE B 29 9.82 -8.02 -18.95
CA PHE B 29 11.21 -7.96 -18.55
C PHE B 29 11.60 -6.74 -17.66
N THR B 30 11.37 -5.52 -18.17
CA THR B 30 11.73 -4.26 -17.54
C THR B 30 10.95 -3.83 -16.26
N ASP B 31 9.90 -4.60 -15.85
CA ASP B 31 9.05 -4.29 -14.69
C ASP B 31 9.61 -4.60 -13.29
N PHE B 32 10.54 -5.56 -13.24
CA PHE B 32 11.10 -6.07 -12.00
C PHE B 32 12.56 -6.15 -12.11
N ASN B 33 13.30 -5.84 -11.04
CA ASN B 33 14.75 -5.99 -11.05
C ASN B 33 15.17 -7.45 -11.09
N MET B 34 16.36 -7.68 -11.63
CA MET B 34 16.93 -9.00 -11.68
C MET B 34 18.17 -8.98 -10.80
N ASP B 35 18.30 -9.96 -9.93
CA ASP B 35 19.42 -10.07 -9.01
C ASP B 35 20.26 -11.32 -9.30
N TRP B 36 21.48 -11.35 -8.79
CA TRP B 36 22.36 -12.49 -8.94
C TRP B 36 22.78 -13.04 -7.57
N VAL B 37 22.90 -14.36 -7.48
CA VAL B 37 23.15 -15.03 -6.20
C VAL B 37 24.24 -16.08 -6.40
N LYS B 38 25.34 -16.04 -5.62
CA LYS B 38 26.39 -17.06 -5.72
C LYS B 38 26.18 -18.12 -4.66
N GLN B 39 26.37 -19.39 -5.03
CA GLN B 39 26.28 -20.48 -4.07
C GLN B 39 27.50 -21.40 -4.14
N SER B 40 28.42 -21.20 -3.21
CA SER B 40 29.61 -22.04 -3.16
C SER B 40 29.26 -23.48 -2.83
N PRO B 41 30.10 -24.45 -3.28
CA PRO B 41 29.74 -25.87 -3.14
C PRO B 41 29.67 -26.36 -1.71
N GLY B 42 28.48 -26.88 -1.35
CA GLY B 42 28.16 -27.34 -0.01
C GLY B 42 28.11 -26.15 0.94
N LYS B 43 27.48 -25.06 0.50
CA LYS B 43 27.43 -23.84 1.29
C LYS B 43 26.06 -23.15 1.12
N SER B 44 25.90 -21.99 1.81
CA SER B 44 24.74 -21.11 1.77
C SER B 44 24.79 -20.21 0.47
N LEU B 45 23.93 -19.18 0.40
CA LEU B 45 23.88 -18.28 -0.73
C LEU B 45 24.43 -16.91 -0.38
N GLU B 46 24.88 -16.20 -1.38
CA GLU B 46 25.45 -14.88 -1.23
C GLU B 46 24.83 -13.99 -2.20
N TRP B 47 24.55 -12.78 -1.80
CA TRP B 47 23.96 -11.83 -2.74
C TRP B 47 25.04 -11.10 -3.51
N ILE B 48 25.16 -11.37 -4.81
CA ILE B 48 26.17 -10.71 -5.61
C ILE B 48 25.77 -9.28 -5.88
N GLY B 49 24.52 -9.07 -6.27
CA GLY B 49 23.98 -7.74 -6.55
C GLY B 49 22.66 -7.68 -7.29
N ASP B 50 22.22 -6.49 -7.67
CA ASP B 50 20.97 -6.29 -8.42
C ASP B 50 21.14 -5.35 -9.62
N PHE B 51 20.52 -5.73 -10.72
CA PHE B 51 20.52 -4.95 -11.93
C PHE B 51 19.10 -4.43 -12.13
N ASN B 52 18.96 -3.24 -12.74
CA ASN B 52 17.63 -2.71 -13.04
C ASN B 52 17.33 -2.82 -14.52
N PRO B 53 16.49 -3.75 -14.98
CA PRO B 53 16.24 -3.89 -16.42
C PRO B 53 15.90 -2.58 -17.11
N ASN B 54 15.05 -1.81 -16.46
CA ASN B 54 14.53 -0.52 -16.87
C ASN B 54 15.64 0.60 -16.85
N SER B 55 15.87 1.25 -15.69
CA SER B 55 16.84 2.32 -15.53
C SER B 55 18.28 1.95 -15.86
N GLY B 56 18.55 0.65 -15.97
CA GLY B 56 19.87 0.09 -16.27
C GLY B 56 20.88 0.23 -15.14
N GLY B 57 20.40 0.50 -13.92
CA GLY B 57 21.27 0.70 -12.77
C GLY B 57 21.68 -0.56 -12.03
N SER B 58 22.98 -0.71 -11.80
CA SER B 58 23.50 -1.87 -11.07
C SER B 58 23.87 -1.47 -9.65
N ILE B 59 23.68 -2.38 -8.69
CA ILE B 59 24.05 -2.19 -7.29
C ILE B 59 24.71 -3.50 -6.91
N TYR B 60 26.01 -3.50 -6.59
CA TYR B 60 26.70 -4.75 -6.26
C TYR B 60 27.04 -4.80 -4.77
N ASN B 61 27.07 -6.00 -4.18
CA ASN B 61 27.56 -6.17 -2.80
C ASN B 61 29.09 -5.89 -2.89
N GLN B 62 29.66 -5.02 -2.03
CA GLN B 62 31.08 -4.66 -2.13
C GLN B 62 32.06 -5.86 -2.29
N LYS B 63 31.62 -7.08 -1.93
CA LYS B 63 32.46 -8.26 -2.04
C LYS B 63 32.73 -8.56 -3.53
N PHE B 64 31.67 -8.68 -4.29
CA PHE B 64 31.74 -8.97 -5.70
C PHE B 64 31.74 -7.68 -6.55
N LYS B 65 32.33 -6.57 -6.03
CA LYS B 65 32.33 -5.32 -6.77
C LYS B 65 33.27 -5.35 -7.94
N ASP B 66 34.51 -5.82 -7.72
CA ASP B 66 35.46 -5.88 -8.83
C ASP B 66 35.43 -7.20 -9.62
N LYS B 67 34.70 -8.21 -9.08
CA LYS B 67 34.54 -9.53 -9.67
C LYS B 67 33.35 -9.58 -10.62
N ALA B 68 32.26 -8.85 -10.33
CA ALA B 68 31.06 -8.94 -11.17
C ALA B 68 30.66 -7.67 -11.95
N THR B 69 29.91 -7.88 -13.06
CA THR B 69 29.35 -6.86 -13.93
C THR B 69 28.03 -7.32 -14.52
N PHE B 70 26.95 -6.57 -14.22
CA PHE B 70 25.61 -6.89 -14.71
C PHE B 70 25.30 -6.02 -15.88
N THR B 71 24.86 -6.65 -16.98
CA THR B 71 24.44 -5.98 -18.21
C THR B 71 23.12 -6.60 -18.70
N VAL B 72 22.39 -5.89 -19.56
CA VAL B 72 21.11 -6.39 -20.06
C VAL B 72 20.99 -6.27 -21.58
N ASP B 73 20.25 -7.17 -22.19
CA ASP B 73 19.91 -7.06 -23.60
C ASP B 73 18.42 -6.85 -23.48
N LYS B 74 18.01 -5.57 -23.37
CA LYS B 74 16.61 -5.19 -23.17
C LYS B 74 15.69 -5.78 -24.22
N SER B 75 16.19 -5.82 -25.47
CA SER B 75 15.55 -6.26 -26.71
C SER B 75 15.35 -7.77 -26.80
N SER B 76 16.26 -8.54 -26.21
CA SER B 76 16.12 -9.99 -26.19
C SER B 76 15.60 -10.55 -24.86
N SER B 77 15.22 -9.66 -23.92
CA SER B 77 14.72 -10.01 -22.61
C SER B 77 15.66 -10.96 -21.87
N THR B 78 16.96 -10.64 -21.91
CA THR B 78 18.00 -11.43 -21.27
C THR B 78 18.87 -10.54 -20.40
N ALA B 79 19.40 -11.12 -19.32
CA ALA B 79 20.33 -10.55 -18.36
C ALA B 79 21.71 -11.19 -18.56
N TYR B 80 22.77 -10.47 -18.18
CA TYR B 80 24.13 -11.01 -18.27
C TYR B 80 24.96 -10.71 -17.00
N MET B 81 25.84 -11.62 -16.60
CA MET B 81 26.75 -11.39 -15.49
C MET B 81 28.16 -11.83 -15.89
N GLU B 82 29.08 -10.87 -16.03
CA GLU B 82 30.46 -11.14 -16.40
C GLU B 82 31.26 -11.27 -15.16
N LEU B 83 31.72 -12.48 -14.88
CA LEU B 83 32.66 -12.72 -13.78
C LEU B 83 34.03 -12.69 -14.45
N ARG B 84 34.93 -11.79 -14.06
CA ARG B 84 36.25 -11.75 -14.66
C ARG B 84 37.35 -12.30 -13.69
N SER B 85 38.55 -12.65 -14.27
CA SER B 85 39.78 -13.15 -13.62
C SER B 85 39.48 -14.23 -12.57
N LEU B 86 38.84 -15.29 -13.03
CA LEU B 86 38.36 -16.38 -12.22
C LEU B 86 39.40 -17.17 -11.43
N THR B 87 39.25 -17.20 -10.11
CA THR B 87 40.13 -17.97 -9.23
C THR B 87 39.41 -19.27 -8.74
N PHE B 88 40.03 -20.08 -7.87
CA PHE B 88 39.40 -21.33 -7.41
C PHE B 88 38.22 -21.08 -6.52
N GLU B 89 38.24 -19.94 -5.75
CA GLU B 89 37.14 -19.49 -4.86
C GLU B 89 35.84 -19.26 -5.70
N ASP B 90 36.00 -18.85 -6.94
CA ASP B 90 34.91 -18.52 -7.81
C ASP B 90 34.15 -19.72 -8.37
N THR B 91 34.51 -20.97 -7.97
CA THR B 91 33.78 -22.15 -8.41
C THR B 91 32.52 -22.20 -7.57
N ALA B 92 31.36 -21.97 -8.20
CA ALA B 92 30.09 -21.89 -7.49
C ALA B 92 28.91 -21.98 -8.48
N VAL B 93 27.67 -22.15 -7.99
CA VAL B 93 26.50 -22.17 -8.86
C VAL B 93 25.87 -20.80 -8.78
N TYR B 94 25.89 -20.09 -9.88
CA TYR B 94 25.33 -18.76 -9.94
C TYR B 94 23.90 -18.82 -10.37
N TYR B 95 23.05 -18.05 -9.71
CA TYR B 95 21.65 -17.98 -10.07
C TYR B 95 21.32 -16.54 -10.39
N CYS B 96 20.23 -16.37 -11.16
CA CYS B 96 19.58 -15.10 -11.41
C CYS B 96 18.24 -15.28 -10.71
N ALA B 97 17.84 -14.27 -9.96
CA ALA B 97 16.60 -14.32 -9.22
C ALA B 97 15.81 -13.03 -9.46
N ARG B 98 14.47 -13.09 -9.56
CA ARG B 98 13.67 -11.90 -9.86
C ARG B 98 12.91 -11.28 -8.66
N GLU B 99 13.09 -9.96 -8.45
CA GLU B 99 12.37 -9.28 -7.38
C GLU B 99 10.95 -9.06 -7.91
N THR B 100 9.97 -8.86 -7.00
CA THR B 100 8.58 -8.56 -7.39
C THR B 100 8.16 -7.39 -6.50
N GLY B 101 8.69 -6.22 -6.85
CA GLY B 101 8.53 -4.96 -6.11
C GLY B 101 9.72 -4.75 -5.18
N THR B 102 9.67 -5.45 -4.02
CA THR B 102 10.72 -5.55 -3.02
C THR B 102 11.43 -6.85 -3.34
N ALA B 103 12.74 -6.91 -3.07
CA ALA B 103 13.66 -7.98 -3.38
C ALA B 103 13.42 -9.32 -2.66
N TRP B 104 12.28 -9.95 -2.89
CA TRP B 104 12.05 -11.31 -2.42
C TRP B 104 11.97 -12.09 -3.71
N PHE B 105 12.72 -13.20 -3.77
CA PHE B 105 12.92 -13.92 -5.01
C PHE B 105 11.94 -15.00 -5.31
N ALA B 106 10.83 -14.59 -5.96
CA ALA B 106 9.74 -15.43 -6.45
C ALA B 106 10.19 -16.36 -7.60
N TYR B 107 11.01 -15.86 -8.54
CA TYR B 107 11.44 -16.69 -9.66
C TYR B 107 12.97 -16.84 -9.72
N TRP B 108 13.46 -18.04 -10.04
CA TRP B 108 14.90 -18.28 -10.08
C TRP B 108 15.33 -19.07 -11.34
N GLY B 109 16.51 -18.71 -11.87
CA GLY B 109 17.14 -19.46 -12.95
C GLY B 109 17.53 -20.84 -12.45
N GLN B 110 17.80 -21.77 -13.35
CA GLN B 110 18.09 -23.17 -12.93
C GLN B 110 19.53 -23.36 -12.37
N GLY B 111 20.40 -22.42 -12.71
CA GLY B 111 21.78 -22.41 -12.27
C GLY B 111 22.79 -22.63 -13.38
N THR B 112 23.90 -21.89 -13.28
CA THR B 112 25.05 -22.05 -14.17
C THR B 112 26.18 -22.46 -13.25
N LEU B 113 26.84 -23.58 -13.56
CA LEU B 113 27.91 -24.07 -12.72
C LEU B 113 29.23 -23.61 -13.28
N VAL B 114 29.98 -22.76 -12.57
CA VAL B 114 31.26 -22.31 -13.06
C VAL B 114 32.34 -23.05 -12.26
N THR B 115 33.11 -23.92 -12.94
CA THR B 115 34.18 -24.70 -12.31
C THR B 115 35.52 -24.23 -12.81
N VAL B 116 36.39 -23.84 -11.87
CA VAL B 116 37.73 -23.34 -12.20
C VAL B 116 38.78 -24.43 -12.03
N SER B 117 39.30 -24.89 -13.18
CA SER B 117 40.28 -25.96 -13.17
C SER B 117 41.45 -25.59 -14.02
N ALA B 118 42.64 -25.76 -13.46
CA ALA B 118 43.91 -25.58 -14.16
C ALA B 118 44.47 -26.98 -14.59
N ALA B 119 43.62 -28.01 -14.66
CA ALA B 119 44.02 -29.37 -14.97
C ALA B 119 44.44 -29.58 -16.41
N GLY B 120 43.93 -28.76 -17.31
CA GLY B 120 44.21 -28.89 -18.72
C GLY B 120 45.34 -28.04 -19.20
N GLY B 121 45.64 -26.96 -18.50
CA GLY B 121 46.74 -26.09 -18.90
C GLY B 121 46.73 -24.78 -18.17
N ASP B 122 26.06 -3.99 7.60
CA ASP B 122 25.81 -5.24 6.91
C ASP B 122 25.03 -6.10 7.86
N ILE B 123 23.73 -6.39 7.59
CA ILE B 123 22.91 -7.23 8.50
C ILE B 123 23.29 -8.72 8.39
N GLN B 124 23.84 -9.28 9.47
CA GLN B 124 24.24 -10.67 9.52
C GLN B 124 23.02 -11.51 9.87
N MET B 125 22.72 -12.57 9.06
CA MET B 125 21.53 -13.42 9.28
C MET B 125 21.90 -14.72 9.95
N THR B 126 21.51 -14.90 11.20
CA THR B 126 21.89 -16.10 11.94
C THR B 126 20.77 -17.11 11.93
N GLN B 127 20.97 -18.33 11.38
CA GLN B 127 19.91 -19.34 11.31
C GLN B 127 20.06 -20.51 12.30
N SER B 128 18.96 -21.09 12.81
CA SER B 128 19.09 -22.17 13.79
C SER B 128 17.91 -23.10 13.92
N PRO B 129 18.16 -24.41 14.15
CA PRO B 129 19.47 -25.11 14.16
C PRO B 129 20.14 -25.14 12.78
N ALA B 130 21.45 -25.45 12.71
CA ALA B 130 22.12 -25.55 11.41
C ALA B 130 21.75 -26.82 10.63
N SER B 131 20.99 -27.74 11.27
CA SER B 131 20.48 -29.01 10.74
C SER B 131 19.54 -29.66 11.76
N LEU B 132 18.65 -30.51 11.27
CA LEU B 132 17.70 -31.21 12.11
C LEU B 132 17.00 -32.31 11.34
N SER B 133 16.77 -33.43 12.00
CA SER B 133 16.12 -34.57 11.40
C SER B 133 14.83 -34.78 12.11
N ALA B 134 13.70 -34.86 11.40
CA ALA B 134 12.40 -35.05 12.01
C ALA B 134 11.58 -36.09 11.28
N SER B 135 10.68 -36.75 12.00
CA SER B 135 9.79 -37.72 11.39
C SER B 135 8.66 -37.05 10.60
N VAL B 136 8.10 -37.76 9.64
CA VAL B 136 7.00 -37.27 8.81
C VAL B 136 5.79 -37.10 9.70
N GLY B 137 5.23 -35.91 9.74
CA GLY B 137 4.07 -35.62 10.57
C GLY B 137 4.41 -34.82 11.81
N GLU B 138 5.69 -34.66 12.14
CA GLU B 138 6.10 -33.86 13.29
C GLU B 138 6.00 -32.35 12.94
N THR B 139 6.56 -31.45 13.78
CA THR B 139 6.54 -30.03 13.53
C THR B 139 7.92 -29.49 13.74
N VAL B 140 8.42 -28.61 12.87
CA VAL B 140 9.77 -28.05 13.08
C VAL B 140 9.73 -26.54 13.05
N THR B 141 10.68 -25.89 13.73
CA THR B 141 10.70 -24.43 13.73
C THR B 141 12.09 -23.85 13.53
N ILE B 142 12.42 -23.51 12.29
CA ILE B 142 13.69 -22.87 11.97
C ILE B 142 13.60 -21.39 12.37
N THR B 143 14.61 -20.87 13.07
CA THR B 143 14.58 -19.46 13.53
C THR B 143 15.66 -18.62 12.75
N CYS B 144 15.57 -17.29 12.82
CA CYS B 144 16.45 -16.42 12.06
C CYS B 144 16.59 -15.10 12.77
N ARG B 145 17.82 -14.74 13.10
CA ARG B 145 18.08 -13.53 13.88
C ARG B 145 18.91 -12.59 13.09
N ALA B 146 18.53 -11.33 13.10
CA ALA B 146 19.22 -10.34 12.30
C ALA B 146 20.00 -9.43 13.18
N SER B 147 21.19 -9.05 12.70
CA SER B 147 22.02 -8.10 13.43
C SER B 147 21.41 -6.69 13.52
N GLY B 148 20.26 -6.46 12.92
CA GLY B 148 19.54 -5.19 12.96
C GLY B 148 18.05 -5.40 12.69
N ASN B 149 17.28 -4.31 12.75
CA ASN B 149 15.86 -4.40 12.46
C ASN B 149 15.76 -4.51 10.95
N ILE B 150 14.93 -5.46 10.43
CA ILE B 150 14.60 -5.56 9.01
C ILE B 150 13.09 -5.22 8.74
N HIS B 151 12.35 -4.86 9.78
CA HIS B 151 11.00 -4.35 9.71
C HIS B 151 10.08 -5.27 8.93
N ASN B 152 10.25 -6.60 9.08
CA ASN B 152 9.43 -7.66 8.47
C ASN B 152 9.72 -7.92 6.98
N PHE B 153 10.89 -7.52 6.50
CA PHE B 153 11.29 -7.76 5.12
C PHE B 153 12.17 -8.96 5.15
N LEU B 154 11.57 -10.11 5.46
CA LEU B 154 12.31 -11.37 5.52
C LEU B 154 11.62 -12.40 4.62
N ALA B 155 12.42 -13.24 3.96
CA ALA B 155 11.89 -14.28 3.13
C ALA B 155 12.50 -15.61 3.52
N TRP B 156 11.75 -16.68 3.33
CA TRP B 156 12.15 -18.04 3.62
C TRP B 156 12.10 -18.82 2.35
N TYR B 157 13.18 -19.54 1.99
CA TYR B 157 13.31 -20.34 0.78
C TYR B 157 13.52 -21.83 1.08
N GLN B 158 13.24 -22.69 0.12
CA GLN B 158 13.50 -24.12 0.27
C GLN B 158 14.31 -24.62 -0.94
N GLN B 159 15.35 -25.43 -0.70
CA GLN B 159 16.18 -25.91 -1.79
C GLN B 159 16.47 -27.40 -1.78
N LYS B 160 15.90 -28.12 -2.75
CA LYS B 160 16.08 -29.55 -2.95
C LYS B 160 17.41 -29.85 -3.68
N GLN B 161 18.04 -31.04 -3.43
CA GLN B 161 19.35 -31.41 -4.02
C GLN B 161 19.47 -31.14 -5.50
N GLY B 162 20.51 -30.38 -5.87
CA GLY B 162 20.78 -30.02 -7.26
C GLY B 162 19.81 -29.03 -7.86
N LYS B 163 18.94 -28.44 -7.03
CA LYS B 163 17.95 -27.49 -7.50
C LYS B 163 18.16 -26.09 -6.93
N SER B 164 17.52 -25.12 -7.56
CA SER B 164 17.58 -23.74 -7.13
C SER B 164 16.57 -23.56 -5.97
N PRO B 165 16.85 -22.60 -5.06
CA PRO B 165 15.89 -22.34 -3.99
C PRO B 165 14.57 -21.82 -4.58
N GLN B 166 13.46 -22.01 -3.85
CA GLN B 166 12.18 -21.49 -4.28
C GLN B 166 11.55 -20.86 -3.07
N VAL B 167 11.05 -19.64 -3.22
CA VAL B 167 10.42 -18.90 -2.13
C VAL B 167 9.20 -19.63 -1.51
N LEU B 168 9.09 -19.53 -0.19
CA LEU B 168 8.05 -20.12 0.64
C LEU B 168 7.22 -19.06 1.33
N VAL B 169 7.84 -18.26 2.20
CA VAL B 169 7.22 -17.17 2.97
C VAL B 169 8.03 -15.90 2.65
N TYR B 170 7.37 -14.78 2.45
CA TYR B 170 8.05 -13.49 2.27
C TYR B 170 7.31 -12.42 3.11
N ASN B 171 7.87 -11.20 3.27
CA ASN B 171 7.26 -10.17 4.12
C ASN B 171 6.96 -10.68 5.52
N ALA B 172 7.91 -11.45 6.07
CA ALA B 172 7.90 -12.14 7.37
C ALA B 172 6.85 -13.27 7.51
N LYS B 173 5.57 -12.97 7.19
CA LYS B 173 4.40 -13.80 7.40
C LYS B 173 3.65 -14.27 6.13
N THR B 174 3.83 -13.56 5.00
CA THR B 174 3.13 -13.91 3.75
C THR B 174 3.55 -15.24 3.05
N LEU B 175 2.63 -16.23 3.05
CA LEU B 175 2.77 -17.52 2.40
C LEU B 175 2.67 -17.30 0.89
N ALA B 176 3.56 -17.92 0.12
CA ALA B 176 3.60 -17.72 -1.32
C ALA B 176 2.65 -18.64 -2.14
N ASP B 177 2.39 -18.28 -3.43
CA ASP B 177 1.46 -19.03 -4.28
C ASP B 177 1.95 -20.43 -4.48
N GLY B 178 1.13 -21.38 -4.11
CA GLY B 178 1.45 -22.79 -4.28
C GLY B 178 1.83 -23.47 -2.99
N VAL B 179 2.58 -22.73 -2.16
CA VAL B 179 3.10 -23.17 -0.87
C VAL B 179 1.97 -23.66 0.02
N PRO B 180 2.06 -24.93 0.46
CA PRO B 180 1.01 -25.47 1.36
C PRO B 180 0.79 -24.62 2.60
N SER B 181 -0.35 -24.80 3.27
CA SER B 181 -0.58 -24.05 4.51
C SER B 181 0.21 -24.62 5.72
N ARG B 182 0.97 -25.72 5.53
CA ARG B 182 1.83 -26.28 6.57
C ARG B 182 2.86 -25.22 6.99
N PHE B 183 3.45 -24.51 6.01
CA PHE B 183 4.44 -23.46 6.25
C PHE B 183 3.75 -22.23 6.85
N SER B 184 4.37 -21.66 7.91
CA SER B 184 3.73 -20.54 8.61
C SER B 184 4.70 -19.57 9.28
N GLY B 185 5.39 -18.78 8.47
CA GLY B 185 6.33 -17.74 8.90
C GLY B 185 5.77 -16.74 9.88
N SER B 186 6.62 -16.24 10.80
CA SER B 186 6.22 -15.31 11.87
C SER B 186 7.40 -14.46 12.38
N GLY B 187 7.12 -13.47 13.22
CA GLY B 187 8.18 -12.64 13.78
C GLY B 187 8.11 -11.14 13.55
N SER B 188 8.95 -10.40 14.29
CA SER B 188 9.05 -8.96 14.15
C SER B 188 10.48 -8.48 14.39
N GLY B 189 10.76 -7.25 13.97
CA GLY B 189 12.02 -6.54 14.24
C GLY B 189 13.29 -7.23 13.84
N THR B 190 13.87 -8.08 14.72
CA THR B 190 15.11 -8.80 14.43
C THR B 190 14.99 -10.33 14.56
N GLN B 191 13.98 -10.86 15.25
CA GLN B 191 13.81 -12.31 15.41
C GLN B 191 12.61 -12.79 14.60
N TYR B 192 12.79 -13.80 13.73
CA TYR B 192 11.74 -14.35 12.83
C TYR B 192 11.74 -15.88 12.85
N SER B 193 10.60 -16.54 12.63
CA SER B 193 10.54 -18.01 12.69
C SER B 193 9.70 -18.65 11.63
N LEU B 194 10.22 -19.67 10.96
CA LEU B 194 9.47 -20.46 10.00
C LEU B 194 9.02 -21.78 10.72
N LYS B 195 7.71 -22.06 10.74
CA LYS B 195 7.21 -23.27 11.39
C LYS B 195 6.50 -24.18 10.39
N ILE B 196 6.96 -25.43 10.26
CA ILE B 196 6.37 -26.38 9.32
C ILE B 196 5.56 -27.40 10.10
N ASN B 197 4.24 -27.37 9.96
CA ASN B 197 3.33 -28.30 10.65
C ASN B 197 3.15 -29.57 9.86
N SER B 198 3.13 -30.74 10.51
CA SER B 198 2.98 -32.03 9.81
C SER B 198 4.00 -32.15 8.65
N LEU B 199 5.22 -32.61 8.95
CA LEU B 199 6.25 -32.72 7.95
C LEU B 199 5.89 -33.72 6.90
N GLN B 200 6.09 -33.35 5.64
CA GLN B 200 5.80 -34.22 4.53
C GLN B 200 7.10 -34.69 3.91
N PRO B 201 7.12 -35.89 3.30
CA PRO B 201 8.36 -36.37 2.72
C PRO B 201 8.96 -35.39 1.69
N GLU B 202 8.11 -34.56 1.06
CA GLU B 202 8.59 -33.55 0.10
C GLU B 202 9.09 -32.26 0.78
N ASP B 203 9.43 -32.34 2.08
CA ASP B 203 9.84 -31.17 2.82
C ASP B 203 11.32 -31.14 3.16
N PHE B 204 12.04 -32.27 2.99
CA PHE B 204 13.48 -32.30 3.23
C PHE B 204 14.20 -31.27 2.32
N GLY B 205 15.36 -30.81 2.73
CA GLY B 205 16.10 -29.82 1.95
C GLY B 205 16.71 -28.73 2.77
N SER B 206 17.46 -27.87 2.12
CA SER B 206 18.12 -26.77 2.81
C SER B 206 17.19 -25.58 2.88
N TYR B 207 17.10 -24.93 4.04
CA TYR B 207 16.21 -23.78 4.20
C TYR B 207 17.00 -22.59 4.52
N TYR B 208 16.60 -21.46 3.96
CA TYR B 208 17.31 -20.21 4.16
C TYR B 208 16.35 -19.07 4.43
N CYS B 209 16.76 -18.19 5.32
CA CYS B 209 16.05 -16.95 5.56
C CYS B 209 16.90 -15.85 4.92
N GLN B 210 16.27 -14.84 4.39
CA GLN B 210 16.95 -13.76 3.70
C GLN B 210 16.32 -12.43 4.03
N GLN B 211 17.15 -11.42 4.31
CA GLN B 211 16.64 -10.09 4.57
C GLN B 211 16.74 -9.25 3.31
N PHE B 212 15.74 -8.42 3.09
CA PHE B 212 15.71 -7.52 1.94
C PHE B 212 15.47 -6.05 2.36
N TRP B 213 15.65 -5.72 3.66
CA TRP B 213 15.50 -4.35 4.11
C TRP B 213 16.72 -3.49 3.69
N SER B 214 17.94 -3.90 4.06
CA SER B 214 19.14 -3.14 3.74
C SER B 214 20.12 -3.85 2.75
N THR B 215 20.73 -3.10 1.80
CA THR B 215 21.76 -3.69 0.94
C THR B 215 23.09 -3.74 1.73
N PRO B 216 23.95 -4.72 1.47
CA PRO B 216 23.78 -5.83 0.54
C PRO B 216 22.93 -6.92 1.17
N TYR B 217 21.88 -7.42 0.47
CA TYR B 217 20.95 -8.44 0.99
C TYR B 217 21.66 -9.65 1.45
N THR B 218 21.16 -10.27 2.51
CA THR B 218 21.90 -11.37 3.10
C THR B 218 21.07 -12.60 3.41
N PHE B 219 21.75 -13.74 3.44
CA PHE B 219 21.12 -15.02 3.71
C PHE B 219 21.62 -15.62 5.00
N GLY B 220 20.78 -16.46 5.59
CA GLY B 220 21.12 -17.26 6.76
C GLY B 220 22.02 -18.40 6.30
N GLY B 221 22.76 -18.95 7.24
CA GLY B 221 23.68 -20.04 6.96
C GLY B 221 23.03 -21.29 6.40
N GLY B 222 21.75 -21.43 6.61
CA GLY B 222 21.02 -22.59 6.17
C GLY B 222 20.67 -23.51 7.32
N THR B 223 19.76 -24.45 7.04
CA THR B 223 19.28 -25.49 7.95
C THR B 223 19.03 -26.71 7.11
N LYS B 224 19.70 -27.82 7.44
CA LYS B 224 19.53 -29.05 6.69
C LYS B 224 18.42 -29.86 7.34
N LEU B 225 17.23 -29.90 6.73
CA LEU B 225 16.14 -30.70 7.28
C LEU B 225 16.08 -32.10 6.63
N GLU B 226 16.20 -33.15 7.46
CA GLU B 226 16.18 -34.54 7.02
C GLU B 226 14.94 -35.26 7.52
N ILE B 227 14.09 -35.78 6.61
CA ILE B 227 12.87 -36.48 7.04
C ILE B 227 13.16 -37.98 7.23
N ASN B 228 12.45 -38.64 8.17
CA ASN B 228 12.61 -40.09 8.44
C ASN B 228 11.27 -40.78 8.13
#